data_8ZLD
#
_entry.id   8ZLD
#
_cell.length_a   54.910
_cell.length_b   55.370
_cell.length_c   162.400
_cell.angle_alpha   90.00
_cell.angle_beta   90.00
_cell.angle_gamma   90.00
#
_symmetry.space_group_name_H-M   'P 21 21 21'
#
loop_
_entity.id
_entity.type
_entity.pdbx_description
1 polymer 'Heme oxygenase'
2 non-polymer 'SULFATE ION'
3 water water
#
_entity_poly.entity_id   1
_entity_poly.type   'polypeptide(L)'
_entity_poly.pdbx_seq_one_letter_code
;MALRDTYNYHETHLFVRNEVLPTLAKIENENLKEKEKNKEIFRNINDYNSNFTRQTFLQFLMDLYNIFLKIDDLFLENKT
YFSILIYNGPMQLTNHLYDDIIYVSSVVENSDDVSPSEYCMEYISHLENLCEENKLSFLAHAYVFYKNFHLSKEHLLKSI
CKYLNIIKKLKSSTYVADVENFEFCLNKMSRKWSRWEKDNFLASLHNATNKMMILTKHFEKVKSLEHHHHHH
;
_entity_poly.pdbx_strand_id   A,B
#
# COMPACT_ATOMS: atom_id res chain seq x y z
N LEU A 14 -28.91 19.10 -16.61
CA LEU A 14 -27.50 18.81 -16.27
C LEU A 14 -26.83 18.05 -17.42
N PHE A 15 -25.58 18.41 -17.71
CA PHE A 15 -24.80 18.03 -18.91
C PHE A 15 -24.75 16.52 -19.11
N VAL A 16 -24.56 15.72 -18.05
CA VAL A 16 -24.32 14.25 -18.18
C VAL A 16 -25.58 13.60 -18.73
N ARG A 17 -26.73 13.85 -18.10
CA ARG A 17 -27.99 13.13 -18.45
C ARG A 17 -28.47 13.56 -19.85
N ASN A 18 -28.31 14.84 -20.18
CA ASN A 18 -28.89 15.44 -21.40
C ASN A 18 -27.94 15.33 -22.59
N GLU A 19 -26.62 15.27 -22.39
CA GLU A 19 -25.65 15.39 -23.52
C GLU A 19 -24.74 14.16 -23.59
N VAL A 20 -24.07 13.80 -22.50
CA VAL A 20 -22.99 12.76 -22.48
C VAL A 20 -23.61 11.37 -22.72
N LEU A 21 -24.62 11.03 -21.94
CA LEU A 21 -25.22 9.68 -21.96
C LEU A 21 -25.92 9.44 -23.30
N PRO A 22 -26.75 10.37 -23.84
CA PRO A 22 -27.22 10.26 -25.21
C PRO A 22 -26.08 10.10 -26.24
N THR A 23 -25.04 10.92 -26.20
CA THR A 23 -23.88 10.82 -27.14
C THR A 23 -23.32 9.39 -27.09
N LEU A 24 -23.18 8.80 -25.89
CA LEU A 24 -22.62 7.44 -25.72
C LEU A 24 -23.60 6.43 -26.32
N ALA A 25 -24.90 6.66 -26.19
CA ALA A 25 -25.96 5.78 -26.71
C ALA A 25 -25.88 5.78 -28.25
N LYS A 26 -25.82 6.98 -28.84
CA LYS A 26 -25.60 7.27 -30.28
C LYS A 26 -24.36 6.50 -30.77
N ILE A 27 -23.27 6.47 -30.00
CA ILE A 27 -22.02 5.73 -30.33
C ILE A 27 -22.30 4.22 -30.12
N GLU A 28 -23.36 3.69 -30.74
CA GLU A 28 -23.68 2.23 -30.69
C GLU A 28 -24.10 1.75 -32.09
N ASN A 29 -23.20 1.05 -32.79
CA ASN A 29 -23.37 0.71 -34.23
C ASN A 29 -22.67 -0.62 -34.52
N GLU A 30 -23.03 -1.22 -35.66
CA GLU A 30 -22.44 -2.49 -36.17
C GLU A 30 -22.61 -2.53 -37.68
N PHE A 52 -5.70 -16.94 -23.87
CA PHE A 52 -6.13 -16.19 -22.67
C PHE A 52 -5.99 -17.05 -21.40
N THR A 53 -4.74 -17.29 -20.97
CA THR A 53 -4.37 -18.06 -19.74
C THR A 53 -4.30 -17.11 -18.54
N ARG A 54 -4.00 -17.64 -17.34
CA ARG A 54 -3.97 -16.83 -16.09
C ARG A 54 -2.86 -15.78 -16.22
N GLN A 55 -1.69 -16.16 -16.75
CA GLN A 55 -0.56 -15.23 -17.02
C GLN A 55 -1.10 -13.98 -17.73
N THR A 56 -1.97 -14.22 -18.71
CA THR A 56 -2.58 -13.18 -19.59
C THR A 56 -3.54 -12.31 -18.78
N PHE A 57 -4.39 -12.93 -17.95
CA PHE A 57 -5.36 -12.23 -17.08
C PHE A 57 -4.62 -11.30 -16.12
N LEU A 58 -3.53 -11.76 -15.49
CA LEU A 58 -2.74 -10.92 -14.55
C LEU A 58 -2.24 -9.69 -15.29
N GLN A 59 -1.75 -9.90 -16.50
CA GLN A 59 -1.25 -8.81 -17.36
C GLN A 59 -2.42 -7.85 -17.63
N PHE A 60 -3.58 -8.36 -18.00
CA PHE A 60 -4.80 -7.54 -18.26
C PHE A 60 -5.01 -6.58 -17.09
N LEU A 61 -5.04 -7.11 -15.87
CA LEU A 61 -5.28 -6.32 -14.64
C LEU A 61 -4.15 -5.30 -14.45
N MET A 62 -2.90 -5.71 -14.64
CA MET A 62 -1.72 -4.80 -14.56
C MET A 62 -1.88 -3.65 -15.57
N ASP A 63 -2.39 -3.95 -16.77
CA ASP A 63 -2.61 -2.92 -17.82
C ASP A 63 -3.65 -1.95 -17.27
N LEU A 64 -4.81 -2.44 -16.87
CA LEU A 64 -5.90 -1.62 -16.30
C LEU A 64 -5.40 -0.78 -15.11
N TYR A 65 -4.68 -1.38 -14.17
CA TYR A 65 -4.11 -0.68 -12.98
C TYR A 65 -3.32 0.56 -13.43
N ASN A 66 -2.46 0.40 -14.42
CA ASN A 66 -1.51 1.40 -14.93
C ASN A 66 -2.28 2.50 -15.69
N ILE A 67 -3.25 2.14 -16.54
CA ILE A 67 -4.08 3.16 -17.24
C ILE A 67 -4.79 4.02 -16.19
N PHE A 68 -5.46 3.38 -15.23
CA PHE A 68 -6.23 4.12 -14.19
C PHE A 68 -5.27 4.92 -13.31
N LEU A 69 -4.14 4.33 -12.93
CA LEU A 69 -3.13 5.03 -12.13
C LEU A 69 -2.69 6.28 -12.90
N LYS A 70 -2.49 6.16 -14.22
CA LYS A 70 -2.02 7.29 -15.06
C LYS A 70 -3.05 8.43 -15.04
N ILE A 71 -4.31 8.10 -15.26
CA ILE A 71 -5.44 9.06 -15.10
C ILE A 71 -5.31 9.79 -13.75
N ASP A 72 -5.09 9.05 -12.66
CA ASP A 72 -5.00 9.65 -11.29
C ASP A 72 -3.82 10.64 -11.29
N ASP A 73 -2.69 10.22 -11.86
CA ASP A 73 -1.46 11.03 -11.95
C ASP A 73 -1.70 12.27 -12.80
N LEU A 74 -2.53 12.17 -13.84
CA LEU A 74 -2.65 13.32 -14.77
C LEU A 74 -3.63 14.31 -14.13
N PHE A 75 -4.57 13.83 -13.33
CA PHE A 75 -5.41 14.71 -12.45
C PHE A 75 -4.51 15.50 -11.49
N LEU A 76 -3.66 14.79 -10.72
CA LEU A 76 -2.78 15.42 -9.71
C LEU A 76 -1.75 16.33 -10.39
N GLU A 77 -1.21 15.97 -11.55
CA GLU A 77 -0.24 16.82 -12.27
C GLU A 77 -0.90 18.12 -12.75
N ASN A 78 -2.22 18.22 -12.79
CA ASN A 78 -2.92 19.49 -13.12
C ASN A 78 -3.92 19.76 -12.00
N LYS A 79 -3.44 19.71 -10.75
CA LYS A 79 -4.24 19.82 -9.50
C LYS A 79 -5.21 20.99 -9.59
N THR A 80 -4.81 22.11 -10.19
CA THR A 80 -5.66 23.33 -10.24
C THR A 80 -6.81 23.06 -11.21
N TYR A 81 -6.53 22.75 -12.47
CA TYR A 81 -7.56 22.47 -13.51
C TYR A 81 -8.59 21.41 -13.06
N PHE A 82 -8.14 20.35 -12.39
CA PHE A 82 -8.97 19.16 -12.05
C PHE A 82 -9.33 19.13 -10.55
N SER A 83 -9.38 20.29 -9.90
CA SER A 83 -9.62 20.38 -8.43
C SER A 83 -10.95 19.68 -8.11
N ILE A 84 -12.00 19.92 -8.90
CA ILE A 84 -13.34 19.34 -8.61
C ILE A 84 -13.25 17.81 -8.60
N LEU A 85 -12.39 17.18 -9.38
CA LEU A 85 -12.24 15.69 -9.35
C LEU A 85 -11.30 15.24 -8.23
N ILE A 86 -10.45 16.14 -7.75
CA ILE A 86 -9.46 15.84 -6.68
C ILE A 86 -10.15 16.07 -5.33
N TYR A 87 -10.55 17.31 -5.07
CA TYR A 87 -11.31 17.75 -3.87
C TYR A 87 -12.53 16.86 -3.69
N ASN A 88 -13.19 16.40 -4.77
CA ASN A 88 -14.22 15.32 -4.68
C ASN A 88 -13.61 14.12 -3.96
N GLY A 89 -12.29 13.96 -4.00
CA GLY A 89 -11.57 12.96 -3.19
C GLY A 89 -11.28 11.73 -4.04
N PRO A 90 -10.26 10.89 -3.72
CA PRO A 90 -9.81 9.87 -4.67
C PRO A 90 -10.90 8.79 -4.85
N MET A 91 -10.97 8.25 -6.06
CA MET A 91 -11.87 7.12 -6.40
C MET A 91 -11.22 5.84 -5.88
N GLN A 92 -11.94 4.74 -5.83
CA GLN A 92 -11.42 3.56 -5.11
C GLN A 92 -10.87 2.56 -6.14
N LEU A 93 -11.07 2.76 -7.44
CA LEU A 93 -10.79 1.67 -8.41
C LEU A 93 -9.28 1.31 -8.47
N THR A 94 -8.38 2.28 -8.50
CA THR A 94 -6.94 1.96 -8.59
C THR A 94 -6.60 1.05 -7.40
N ASN A 95 -7.01 1.44 -6.19
CA ASN A 95 -6.68 0.64 -4.99
C ASN A 95 -7.25 -0.78 -5.11
N HIS A 96 -8.53 -0.90 -5.52
CA HIS A 96 -9.18 -2.22 -5.73
C HIS A 96 -8.30 -3.06 -6.68
N LEU A 97 -7.91 -2.52 -7.85
CA LEU A 97 -7.12 -3.30 -8.84
C LEU A 97 -5.78 -3.68 -8.20
N TYR A 98 -5.08 -2.76 -7.57
CA TYR A 98 -3.84 -3.02 -6.82
C TYR A 98 -4.01 -4.31 -5.98
N ASP A 99 -5.05 -4.34 -5.15
CA ASP A 99 -5.29 -5.43 -4.19
C ASP A 99 -5.61 -6.71 -4.99
N ASP A 100 -6.43 -6.58 -6.03
CA ASP A 100 -6.79 -7.68 -6.96
C ASP A 100 -5.55 -8.18 -7.69
N ILE A 101 -4.54 -7.36 -7.98
CA ILE A 101 -3.32 -7.85 -8.65
C ILE A 101 -2.54 -8.69 -7.65
N ILE A 102 -2.50 -8.26 -6.40
CA ILE A 102 -1.82 -9.02 -5.32
C ILE A 102 -2.50 -10.38 -5.13
N TYR A 103 -3.83 -10.41 -5.07
CA TYR A 103 -4.59 -11.68 -4.94
C TYR A 103 -4.26 -12.62 -6.11
N VAL A 104 -4.43 -12.12 -7.34
CA VAL A 104 -4.33 -12.97 -8.56
C VAL A 104 -2.89 -13.43 -8.71
N SER A 105 -1.92 -12.62 -8.28
CA SER A 105 -0.47 -12.97 -8.24
C SER A 105 -0.30 -14.25 -7.44
N SER A 106 -1.05 -14.39 -6.35
CA SER A 106 -0.97 -15.53 -5.41
C SER A 106 -1.38 -16.83 -6.09
N VAL A 107 -2.13 -16.81 -7.19
CA VAL A 107 -2.66 -18.05 -7.84
C VAL A 107 -2.21 -18.09 -9.31
N VAL A 108 -1.00 -17.60 -9.55
CA VAL A 108 -0.31 -17.60 -10.87
C VAL A 108 1.15 -17.96 -10.61
N GLU A 109 1.68 -18.90 -11.41
CA GLU A 109 3.11 -19.32 -11.39
C GLU A 109 3.90 -18.28 -12.20
N ASN A 110 5.05 -17.84 -11.67
CA ASN A 110 5.90 -16.79 -12.29
C ASN A 110 5.11 -15.47 -12.33
N SER A 111 4.53 -15.09 -11.19
CA SER A 111 3.68 -13.89 -11.00
C SER A 111 4.53 -12.62 -11.09
N ASP A 112 5.75 -12.65 -10.52
CA ASP A 112 6.68 -11.49 -10.47
C ASP A 112 7.25 -11.23 -11.87
N ASP A 113 7.15 -12.20 -12.79
CA ASP A 113 7.70 -12.08 -14.17
C ASP A 113 6.86 -11.07 -14.96
N VAL A 114 5.54 -11.16 -14.82
CA VAL A 114 4.54 -10.40 -15.63
C VAL A 114 4.58 -8.92 -15.24
N SER A 115 4.53 -8.02 -16.23
CA SER A 115 4.56 -6.53 -16.12
C SER A 115 3.65 -5.94 -17.21
N PRO A 116 3.41 -4.59 -17.22
CA PRO A 116 2.46 -4.00 -18.17
C PRO A 116 2.88 -4.29 -19.62
N SER A 117 1.90 -4.52 -20.49
CA SER A 117 2.11 -4.89 -21.90
C SER A 117 2.54 -3.65 -22.68
N GLU A 118 3.20 -3.90 -23.83
CA GLU A 118 3.56 -2.96 -24.91
C GLU A 118 2.39 -2.04 -25.20
N TYR A 119 1.21 -2.63 -25.46
CA TYR A 119 -0.01 -1.89 -25.88
C TYR A 119 -0.39 -0.88 -24.81
N CYS A 120 -0.38 -1.28 -23.54
CA CYS A 120 -0.77 -0.44 -22.38
C CYS A 120 0.18 0.76 -22.30
N MET A 121 1.49 0.55 -22.50
CA MET A 121 2.51 1.63 -22.39
C MET A 121 2.32 2.63 -23.55
N GLU A 122 1.87 2.17 -24.71
CA GLU A 122 1.50 3.10 -25.81
C GLU A 122 0.39 3.98 -25.24
N TYR A 123 -0.64 3.35 -24.70
CA TYR A 123 -1.90 4.02 -24.31
C TYR A 123 -1.60 5.03 -23.18
N ILE A 124 -0.70 4.67 -22.29
CA ILE A 124 -0.30 5.57 -21.18
C ILE A 124 0.39 6.84 -21.73
N SER A 125 1.34 6.71 -22.65
CA SER A 125 1.95 7.84 -23.38
C SER A 125 0.89 8.64 -24.13
N HIS A 126 -0.07 7.96 -24.74
CA HIS A 126 -1.13 8.61 -25.54
C HIS A 126 -1.94 9.55 -24.65
N LEU A 127 -2.34 9.09 -23.45
CA LEU A 127 -3.07 9.91 -22.44
C LEU A 127 -2.21 11.09 -22.00
N GLU A 128 -0.92 10.90 -21.67
CA GLU A 128 -0.03 12.04 -21.37
C GLU A 128 -0.23 13.06 -22.49
N ASN A 129 0.08 12.62 -23.73
CA ASN A 129 0.05 13.45 -24.95
C ASN A 129 -1.32 14.10 -25.08
N LEU A 130 -2.40 13.32 -24.99
CA LEU A 130 -3.80 13.85 -25.08
C LEU A 130 -3.98 15.03 -24.12
N CYS A 131 -3.61 14.83 -22.86
CA CYS A 131 -3.77 15.79 -21.76
C CYS A 131 -2.90 17.04 -21.99
N GLU A 132 -1.70 16.82 -22.49
CA GLU A 132 -0.74 17.88 -22.85
C GLU A 132 -1.42 18.78 -23.86
N GLU A 133 -2.16 18.22 -24.80
CA GLU A 133 -2.68 18.98 -25.93
C GLU A 133 -3.96 19.70 -25.51
N ASN A 134 -4.87 18.96 -24.88
CA ASN A 134 -6.25 19.44 -24.53
C ASN A 134 -6.76 18.65 -23.33
N LYS A 135 -6.80 19.30 -22.18
CA LYS A 135 -7.15 18.65 -20.90
C LYS A 135 -8.52 18.00 -21.03
N LEU A 136 -9.46 18.54 -21.81
CA LEU A 136 -10.83 17.95 -21.89
C LEU A 136 -10.87 16.77 -22.87
N SER A 137 -10.07 16.79 -23.93
CA SER A 137 -9.84 15.61 -24.79
C SER A 137 -9.39 14.44 -23.88
N PHE A 138 -8.38 14.66 -23.05
CA PHE A 138 -7.92 13.67 -22.06
C PHE A 138 -9.08 13.28 -21.14
N LEU A 139 -9.80 14.25 -20.59
CA LEU A 139 -10.87 14.00 -19.58
C LEU A 139 -11.98 13.10 -20.14
N ALA A 140 -12.33 13.31 -21.41
CA ALA A 140 -13.30 12.46 -22.14
C ALA A 140 -12.82 11.01 -22.12
N HIS A 141 -11.52 10.77 -22.31
CA HIS A 141 -10.95 9.41 -22.43
C HIS A 141 -10.96 8.79 -21.05
N ALA A 142 -10.62 9.54 -20.00
CA ALA A 142 -10.67 9.07 -18.59
C ALA A 142 -12.11 8.67 -18.31
N TYR A 143 -13.05 9.57 -18.53
CA TYR A 143 -14.50 9.30 -18.31
C TYR A 143 -14.91 7.96 -18.93
N VAL A 144 -14.75 7.85 -20.24
CA VAL A 144 -15.24 6.68 -21.00
C VAL A 144 -14.60 5.41 -20.43
N PHE A 145 -13.36 5.50 -19.98
CA PHE A 145 -12.63 4.35 -19.41
C PHE A 145 -13.34 3.93 -18.12
N TYR A 146 -13.49 4.85 -17.18
CA TYR A 146 -14.27 4.57 -15.95
C TYR A 146 -15.65 4.03 -16.36
N LYS A 147 -16.33 4.68 -17.32
CA LYS A 147 -17.71 4.31 -17.72
C LYS A 147 -17.76 2.87 -18.25
N ASN A 148 -16.97 2.56 -19.28
CA ASN A 148 -17.08 1.28 -20.01
C ASN A 148 -16.60 0.17 -19.07
N PHE A 149 -15.65 0.43 -18.18
CA PHE A 149 -15.21 -0.60 -17.20
C PHE A 149 -16.37 -0.94 -16.25
N HIS A 150 -16.97 0.09 -15.65
CA HIS A 150 -18.18 -0.08 -14.81
C HIS A 150 -19.19 -0.96 -15.55
N LEU A 151 -19.43 -0.65 -16.83
CA LEU A 151 -20.56 -1.24 -17.61
C LEU A 151 -20.26 -2.70 -17.93
N SER A 152 -18.99 -3.10 -17.97
CA SER A 152 -18.59 -4.44 -18.45
C SER A 152 -17.85 -5.24 -17.39
N LYS A 153 -17.48 -4.66 -16.24
CA LYS A 153 -16.53 -5.34 -15.35
C LYS A 153 -17.17 -6.58 -14.75
N GLU A 154 -18.42 -6.49 -14.31
CA GLU A 154 -19.02 -7.60 -13.54
C GLU A 154 -19.08 -8.84 -14.43
N HIS A 155 -19.59 -8.74 -15.67
CA HIS A 155 -19.75 -9.89 -16.59
C HIS A 155 -18.37 -10.45 -16.93
N LEU A 156 -17.44 -9.57 -17.24
CA LEU A 156 -16.05 -9.90 -17.66
C LEU A 156 -15.35 -10.69 -16.55
N LEU A 157 -15.31 -10.14 -15.33
CA LEU A 157 -14.43 -10.64 -14.25
C LEU A 157 -15.01 -11.93 -13.68
N LYS A 158 -16.33 -12.03 -13.60
CA LYS A 158 -17.04 -13.24 -13.16
C LYS A 158 -16.66 -14.35 -14.15
N SER A 159 -16.94 -14.11 -15.43
CA SER A 159 -16.82 -15.14 -16.49
C SER A 159 -15.35 -15.50 -16.74
N ILE A 160 -14.43 -14.54 -16.68
CA ILE A 160 -12.97 -14.83 -16.75
C ILE A 160 -12.54 -15.68 -15.54
N CYS A 161 -12.96 -15.32 -14.32
CA CYS A 161 -12.55 -16.01 -13.07
C CYS A 161 -13.19 -17.40 -12.98
N LYS A 162 -14.41 -17.56 -13.50
CA LYS A 162 -15.03 -18.89 -13.69
C LYS A 162 -14.09 -19.72 -14.59
N TYR A 163 -13.92 -19.26 -15.83
CA TYR A 163 -13.11 -19.88 -16.92
C TYR A 163 -11.74 -20.33 -16.39
N LEU A 164 -11.08 -19.50 -15.57
CA LEU A 164 -9.70 -19.75 -15.06
C LEU A 164 -9.73 -20.32 -13.64
N ASN A 165 -10.90 -20.67 -13.09
CA ASN A 165 -11.01 -21.37 -11.78
C ASN A 165 -10.33 -20.50 -10.71
N ILE A 166 -10.67 -19.21 -10.64
CA ILE A 166 -10.16 -18.24 -9.62
C ILE A 166 -11.27 -17.92 -8.61
N ILE A 167 -11.17 -18.53 -7.43
CA ILE A 167 -12.29 -18.68 -6.47
C ILE A 167 -12.82 -17.30 -6.09
N LYS A 168 -12.06 -16.56 -5.29
CA LYS A 168 -12.44 -15.25 -4.69
C LYS A 168 -12.87 -14.29 -5.81
N LYS A 169 -14.00 -13.64 -5.60
CA LYS A 169 -14.50 -12.50 -6.39
C LYS A 169 -13.61 -11.29 -6.09
N LEU A 170 -13.35 -10.51 -7.13
CA LEU A 170 -12.33 -9.44 -7.07
C LEU A 170 -12.96 -8.17 -6.47
N LYS A 171 -12.14 -7.41 -5.76
CA LYS A 171 -12.55 -6.10 -5.18
C LYS A 171 -13.01 -5.19 -6.32
N SER A 172 -12.32 -5.22 -7.46
CA SER A 172 -12.49 -4.24 -8.55
C SER A 172 -13.78 -4.52 -9.33
N SER A 173 -14.49 -5.60 -9.03
CA SER A 173 -15.79 -5.95 -9.68
C SER A 173 -16.96 -5.32 -8.92
N THR A 174 -16.69 -4.81 -7.71
CA THR A 174 -17.68 -4.16 -6.80
C THR A 174 -17.99 -2.77 -7.37
N TYR A 175 -19.25 -2.32 -7.20
CA TYR A 175 -19.73 -0.96 -7.54
C TYR A 175 -19.61 -0.06 -6.30
N VAL A 176 -18.77 0.97 -6.39
CA VAL A 176 -18.54 1.90 -5.25
C VAL A 176 -18.68 3.32 -5.76
N ALA A 177 -19.61 3.50 -6.70
CA ALA A 177 -20.00 4.81 -7.26
C ALA A 177 -18.80 5.56 -7.85
N ASP A 178 -17.76 4.90 -8.38
CA ASP A 178 -16.64 5.64 -9.03
C ASP A 178 -17.21 6.47 -10.17
N VAL A 179 -17.90 5.82 -11.11
CA VAL A 179 -18.56 6.47 -12.28
C VAL A 179 -19.55 7.54 -11.82
N GLU A 180 -20.42 7.26 -10.84
CA GLU A 180 -21.46 8.24 -10.39
C GLU A 180 -20.80 9.53 -9.92
N ASN A 181 -19.67 9.38 -9.23
CA ASN A 181 -18.87 10.48 -8.65
C ASN A 181 -18.22 11.21 -9.81
N PHE A 182 -17.84 10.47 -10.83
CA PHE A 182 -17.18 11.06 -12.02
C PHE A 182 -18.24 11.95 -12.66
N GLU A 183 -19.43 11.41 -12.85
CA GLU A 183 -20.56 12.07 -13.55
C GLU A 183 -20.98 13.30 -12.75
N PHE A 184 -20.91 13.23 -11.44
CA PHE A 184 -21.29 14.36 -10.57
C PHE A 184 -20.34 15.53 -10.83
N CYS A 185 -19.05 15.24 -10.92
CA CYS A 185 -17.98 16.24 -11.15
C CYS A 185 -18.10 16.79 -12.59
N LEU A 186 -18.46 15.96 -13.57
CA LEU A 186 -18.63 16.47 -14.95
C LEU A 186 -19.68 17.59 -14.93
N ASN A 187 -20.83 17.34 -14.32
CA ASN A 187 -21.96 18.29 -14.27
C ASN A 187 -21.45 19.63 -13.74
N LYS A 188 -20.71 19.60 -12.63
CA LYS A 188 -20.15 20.83 -12.01
C LYS A 188 -19.14 21.49 -12.96
N MET A 189 -18.23 20.73 -13.58
CA MET A 189 -17.19 21.33 -14.48
C MET A 189 -17.86 21.96 -15.70
N SER A 190 -18.87 21.30 -16.28
CA SER A 190 -19.60 21.73 -17.51
C SER A 190 -20.28 23.11 -17.28
N ARG A 191 -20.68 23.43 -16.05
CA ARG A 191 -21.27 24.75 -15.69
C ARG A 191 -20.25 25.88 -15.97
N LYS A 192 -18.95 25.60 -16.04
CA LYS A 192 -17.95 26.64 -16.37
C LYS A 192 -17.28 26.33 -17.73
N TRP A 193 -17.93 25.59 -18.62
CA TRP A 193 -17.38 25.22 -19.97
C TRP A 193 -18.06 26.04 -21.07
N SER A 194 -17.29 26.54 -22.03
CA SER A 194 -17.80 27.16 -23.27
C SER A 194 -18.49 26.07 -24.11
N ARG A 195 -19.37 26.46 -25.04
CA ARG A 195 -20.05 25.52 -25.96
C ARG A 195 -18.95 24.68 -26.65
N TRP A 196 -17.86 25.36 -27.05
CA TRP A 196 -16.67 24.81 -27.75
C TRP A 196 -16.05 23.65 -26.95
N GLU A 197 -15.85 23.88 -25.66
CA GLU A 197 -15.22 22.92 -24.71
C GLU A 197 -16.14 21.71 -24.54
N LYS A 198 -17.44 21.94 -24.47
CA LYS A 198 -18.44 20.86 -24.41
C LYS A 198 -18.37 20.08 -25.72
N ASP A 199 -18.29 20.77 -26.85
CA ASP A 199 -18.27 20.15 -28.21
C ASP A 199 -17.05 19.23 -28.30
N ASN A 200 -15.91 19.70 -27.80
CA ASN A 200 -14.63 18.96 -27.86
C ASN A 200 -14.80 17.70 -27.03
N PHE A 201 -15.37 17.85 -25.83
CA PHE A 201 -15.56 16.74 -24.88
C PHE A 201 -16.45 15.66 -25.52
N LEU A 202 -17.59 16.06 -26.07
CA LEU A 202 -18.57 15.13 -26.69
C LEU A 202 -17.95 14.47 -27.93
N ALA A 203 -17.22 15.20 -28.77
CA ALA A 203 -16.53 14.61 -29.94
C ALA A 203 -15.50 13.59 -29.46
N SER A 204 -14.80 13.89 -28.36
CA SER A 204 -13.66 13.08 -27.88
C SER A 204 -14.17 11.72 -27.38
N LEU A 205 -15.44 11.63 -26.98
CA LEU A 205 -16.06 10.37 -26.51
C LEU A 205 -15.97 9.28 -27.60
N HIS A 206 -16.26 9.60 -28.87
CA HIS A 206 -16.10 8.69 -30.05
C HIS A 206 -14.71 8.05 -29.99
N ASN A 207 -13.67 8.89 -29.97
CA ASN A 207 -12.26 8.44 -30.08
C ASN A 207 -11.99 7.49 -28.91
N ALA A 208 -12.40 7.88 -27.70
CA ALA A 208 -12.17 7.11 -26.45
C ALA A 208 -12.89 5.76 -26.52
N THR A 209 -14.17 5.77 -26.89
CA THR A 209 -14.98 4.55 -27.14
C THR A 209 -14.21 3.58 -28.03
N ASN A 210 -13.75 3.99 -29.22
CA ASN A 210 -12.98 3.13 -30.17
C ASN A 210 -11.76 2.51 -29.49
N LYS A 211 -10.88 3.35 -28.92
CA LYS A 211 -9.56 2.94 -28.35
C LYS A 211 -9.77 1.98 -27.18
N MET A 212 -10.93 2.11 -26.52
CA MET A 212 -11.51 1.14 -25.56
C MET A 212 -11.61 -0.27 -26.15
N MET A 213 -12.44 -0.43 -27.19
CA MET A 213 -12.64 -1.72 -27.88
C MET A 213 -11.27 -2.37 -28.14
N ILE A 214 -10.33 -1.60 -28.68
CA ILE A 214 -9.04 -2.15 -29.17
C ILE A 214 -8.38 -2.88 -28.00
N LEU A 215 -8.58 -2.42 -26.76
CA LEU A 215 -8.02 -3.07 -25.55
C LEU A 215 -8.91 -4.24 -25.09
N THR A 216 -9.48 -4.98 -26.03
CA THR A 216 -10.36 -6.17 -25.81
C THR A 216 -9.91 -7.29 -26.77
N LYS A 217 -9.23 -8.31 -26.26
CA LYS A 217 -8.60 -9.41 -27.04
C LYS A 217 -8.78 -10.75 -26.33
N LEU B 14 -2.23 -10.91 34.95
CA LEU B 14 -2.49 -10.31 33.62
C LEU B 14 -1.75 -8.97 33.47
N PHE B 15 -0.41 -8.94 33.61
CA PHE B 15 0.44 -7.72 33.51
C PHE B 15 0.18 -6.96 32.19
N VAL B 16 0.08 -7.66 31.06
CA VAL B 16 0.00 -6.97 29.74
C VAL B 16 -1.36 -6.26 29.65
N ARG B 17 -2.46 -6.96 29.92
CA ARG B 17 -3.83 -6.41 29.73
C ARG B 17 -4.09 -5.35 30.80
N ASN B 18 -3.59 -5.57 32.02
CA ASN B 18 -3.90 -4.75 33.22
C ASN B 18 -2.98 -3.54 33.34
N GLU B 19 -1.74 -3.59 32.84
CA GLU B 19 -0.72 -2.54 33.13
C GLU B 19 -0.15 -1.94 31.84
N VAL B 20 0.35 -2.78 30.93
CA VAL B 20 1.14 -2.34 29.74
C VAL B 20 0.23 -1.62 28.75
N LEU B 21 -0.90 -2.22 28.43
CA LEU B 21 -1.77 -1.70 27.36
C LEU B 21 -2.46 -0.42 27.85
N PRO B 22 -3.01 -0.34 29.09
CA PRO B 22 -3.39 0.96 29.66
C PRO B 22 -2.28 2.01 29.48
N THR B 23 -1.05 1.72 29.94
CA THR B 23 0.10 2.67 29.93
C THR B 23 0.32 3.16 28.50
N LEU B 24 0.25 2.26 27.52
CA LEU B 24 0.51 2.58 26.09
C LEU B 24 -0.63 3.46 25.57
N ALA B 25 -1.86 3.21 26.02
CA ALA B 25 -3.05 3.99 25.64
C ALA B 25 -2.90 5.43 26.15
N LYS B 26 -2.54 5.58 27.43
CA LYS B 26 -2.20 6.88 28.08
C LYS B 26 -1.11 7.60 27.28
N ILE B 27 -0.09 6.88 26.81
CA ILE B 27 1.04 7.45 26.02
C ILE B 27 0.54 7.91 24.66
N GLU B 28 -0.37 7.17 24.00
CA GLU B 28 -0.90 7.59 22.67
C GLU B 28 -1.44 9.02 22.78
N ASN B 29 -1.86 9.45 23.97
CA ASN B 29 -2.58 10.75 24.15
C ASN B 29 -1.60 11.92 23.95
N GLU B 30 -1.69 12.51 22.76
CA GLU B 30 -1.19 13.86 22.40
C GLU B 30 -2.13 14.91 23.03
N PHE B 52 9.50 8.02 -0.24
CA PHE B 52 10.22 9.04 -1.05
C PHE B 52 10.77 8.35 -2.32
N THR B 53 12.06 7.99 -2.36
CA THR B 53 12.66 7.12 -3.41
C THR B 53 12.53 5.65 -3.00
N ARG B 54 12.57 4.75 -3.95
CA ARG B 54 12.72 3.29 -3.70
C ARG B 54 14.09 3.03 -3.04
N GLN B 55 15.10 3.85 -3.31
CA GLN B 55 16.42 3.78 -2.63
C GLN B 55 16.18 3.98 -1.14
N THR B 56 15.35 4.96 -0.79
CA THR B 56 14.99 5.39 0.59
C THR B 56 14.25 4.27 1.32
N PHE B 57 13.25 3.68 0.67
CA PHE B 57 12.42 2.60 1.24
C PHE B 57 13.31 1.37 1.51
N LEU B 58 14.18 1.00 0.59
CA LEU B 58 15.10 -0.16 0.81
C LEU B 58 15.93 0.09 2.07
N GLN B 59 16.43 1.32 2.20
CA GLN B 59 17.23 1.71 3.37
C GLN B 59 16.36 1.55 4.61
N PHE B 60 15.13 2.07 4.60
CA PHE B 60 14.17 1.93 5.73
C PHE B 60 14.11 0.47 6.18
N LEU B 61 13.89 -0.47 5.26
CA LEU B 61 13.79 -1.92 5.57
C LEU B 61 15.12 -2.42 6.12
N MET B 62 16.24 -2.01 5.56
CA MET B 62 17.58 -2.43 6.06
C MET B 62 17.77 -1.93 7.50
N ASP B 63 17.27 -0.73 7.79
CA ASP B 63 17.30 -0.18 9.15
C ASP B 63 16.49 -1.12 10.05
N LEU B 64 15.23 -1.36 9.69
CA LEU B 64 14.32 -2.25 10.45
C LEU B 64 14.94 -3.63 10.66
N TYR B 65 15.47 -4.24 9.61
CA TYR B 65 16.15 -5.57 9.67
C TYR B 65 17.19 -5.59 10.79
N ASN B 66 18.03 -4.54 10.83
CA ASN B 66 19.21 -4.44 11.71
C ASN B 66 18.73 -4.16 13.13
N ILE B 67 17.75 -3.30 13.33
CA ILE B 67 17.20 -3.02 14.70
C ILE B 67 16.67 -4.32 15.26
N PHE B 68 15.85 -5.03 14.51
CA PHE B 68 15.21 -6.28 14.98
C PHE B 68 16.26 -7.38 15.15
N LEU B 69 17.21 -7.46 14.23
CA LEU B 69 18.33 -8.41 14.36
C LEU B 69 19.05 -8.14 15.68
N LYS B 70 19.25 -6.86 16.01
CA LYS B 70 20.03 -6.45 17.20
C LYS B 70 19.30 -6.95 18.45
N ILE B 71 18.00 -6.65 18.50
CA ILE B 71 17.12 -7.12 19.60
C ILE B 71 17.30 -8.64 19.77
N ASP B 72 17.27 -9.38 18.66
CA ASP B 72 17.35 -10.86 18.70
C ASP B 72 18.69 -11.23 19.37
N ASP B 73 19.75 -10.54 18.95
CA ASP B 73 21.12 -10.80 19.43
C ASP B 73 21.22 -10.45 20.91
N LEU B 74 20.49 -9.46 21.37
CA LEU B 74 20.68 -9.03 22.77
C LEU B 74 19.94 -10.01 23.67
N PHE B 75 18.86 -10.60 23.17
CA PHE B 75 18.20 -11.78 23.80
C PHE B 75 19.21 -12.94 23.98
N LEU B 76 19.83 -13.37 22.89
CA LEU B 76 20.82 -14.48 22.87
C LEU B 76 22.05 -14.15 23.72
N GLU B 77 22.55 -12.91 23.72
CA GLU B 77 23.73 -12.54 24.54
C GLU B 77 23.39 -12.60 26.04
N ASN B 78 22.13 -12.63 26.43
CA ASN B 78 21.71 -12.77 27.85
C ASN B 78 20.72 -13.93 27.89
N LYS B 79 21.11 -15.06 27.29
CA LYS B 79 20.28 -16.29 27.15
C LYS B 79 19.67 -16.68 28.48
N THR B 80 20.37 -16.46 29.59
CA THR B 80 19.89 -16.86 30.94
C THR B 80 18.70 -15.95 31.29
N TYR B 81 18.94 -14.65 31.39
CA TYR B 81 17.92 -13.64 31.77
C TYR B 81 16.66 -13.74 30.89
N PHE B 82 16.81 -13.98 29.59
CA PHE B 82 15.69 -13.94 28.60
C PHE B 82 15.29 -15.36 28.15
N SER B 83 15.44 -16.36 29.01
CA SER B 83 15.24 -17.79 28.60
C SER B 83 13.80 -17.98 28.11
N ILE B 84 12.82 -17.42 28.84
CA ILE B 84 11.38 -17.50 28.47
C ILE B 84 11.18 -16.99 27.05
N LEU B 85 11.89 -15.95 26.61
CA LEU B 85 11.72 -15.46 25.22
C LEU B 85 12.44 -16.40 24.25
N ILE B 86 13.56 -16.98 24.68
CA ILE B 86 14.43 -17.84 23.81
C ILE B 86 13.69 -19.15 23.62
N TYR B 87 13.39 -19.82 24.72
CA TYR B 87 12.69 -21.12 24.81
C TYR B 87 11.35 -21.01 24.07
N ASN B 88 10.68 -19.86 24.17
CA ASN B 88 9.41 -19.62 23.43
C ASN B 88 9.66 -19.81 21.94
N GLY B 89 10.88 -19.54 21.49
CA GLY B 89 11.35 -19.88 20.14
C GLY B 89 11.43 -18.62 19.28
N PRO B 90 12.17 -18.60 18.14
CA PRO B 90 12.48 -17.34 17.46
C PRO B 90 11.22 -16.64 16.91
N MET B 91 11.29 -15.31 16.86
CA MET B 91 10.28 -14.45 16.23
C MET B 91 10.42 -14.60 14.70
N GLN B 92 9.40 -14.30 13.93
CA GLN B 92 9.49 -14.54 12.47
C GLN B 92 9.97 -13.26 11.79
N LEU B 93 9.86 -12.11 12.46
CA LEU B 93 9.93 -10.80 11.76
C LEU B 93 11.31 -10.60 11.12
N THR B 94 12.42 -10.87 11.80
CA THR B 94 13.75 -10.58 11.22
C THR B 94 13.85 -11.28 9.86
N ASN B 95 13.49 -12.55 9.81
CA ASN B 95 13.60 -13.33 8.55
C ASN B 95 12.70 -12.70 7.49
N HIS B 96 11.47 -12.39 7.84
CA HIS B 96 10.54 -11.67 6.94
C HIS B 96 11.21 -10.41 6.37
N LEU B 97 11.76 -9.51 7.19
CA LEU B 97 12.38 -8.26 6.68
C LEU B 97 13.56 -8.60 5.76
N TYR B 98 14.43 -9.52 6.17
CA TYR B 98 15.51 -10.05 5.31
C TYR B 98 14.97 -10.34 3.89
N ASP B 99 13.92 -11.14 3.81
CA ASP B 99 13.37 -11.62 2.51
C ASP B 99 12.75 -10.42 1.78
N ASP B 100 12.14 -9.51 2.51
CA ASP B 100 11.61 -8.24 1.96
C ASP B 100 12.77 -7.36 1.44
N ILE B 101 13.96 -7.44 2.03
CA ILE B 101 15.13 -6.66 1.50
C ILE B 101 15.57 -7.27 0.16
N ILE B 102 15.55 -8.59 0.08
CA ILE B 102 16.04 -9.30 -1.13
C ILE B 102 15.08 -8.98 -2.29
N TYR B 103 13.77 -9.07 -2.07
CA TYR B 103 12.78 -8.75 -3.13
C TYR B 103 12.98 -7.30 -3.59
N VAL B 104 12.98 -6.35 -2.64
CA VAL B 104 12.97 -4.89 -2.97
C VAL B 104 14.28 -4.53 -3.67
N SER B 105 15.38 -5.19 -3.29
CA SER B 105 16.72 -5.03 -3.92
C SER B 105 16.59 -5.28 -5.42
N SER B 106 15.79 -6.29 -5.78
CA SER B 106 15.59 -6.74 -7.18
C SER B 106 14.99 -5.63 -8.04
N VAL B 107 14.31 -4.63 -7.49
CA VAL B 107 13.53 -3.65 -8.29
C VAL B 107 13.98 -2.23 -7.92
N VAL B 108 15.28 -2.06 -7.69
CA VAL B 108 15.90 -0.77 -7.32
C VAL B 108 17.20 -0.61 -8.11
N GLU B 109 17.46 0.60 -8.63
CA GLU B 109 18.74 1.01 -9.27
C GLU B 109 19.85 1.01 -8.21
N ASN B 110 20.91 0.22 -8.39
CA ASN B 110 22.09 0.21 -7.49
C ASN B 110 21.65 -0.23 -6.09
N SER B 111 21.15 -1.46 -6.01
CA SER B 111 20.70 -2.17 -4.78
C SER B 111 21.86 -2.34 -3.81
N ASP B 112 23.00 -2.84 -4.29
CA ASP B 112 24.18 -3.18 -3.45
C ASP B 112 24.89 -1.90 -2.97
N ASP B 113 24.55 -0.76 -3.58
CA ASP B 113 25.07 0.59 -3.22
C ASP B 113 24.33 1.16 -2.01
N VAL B 114 23.19 0.60 -1.62
CA VAL B 114 22.34 1.10 -0.48
C VAL B 114 22.83 0.42 0.81
N SER B 115 23.00 1.21 1.88
CA SER B 115 23.42 0.75 3.23
C SER B 115 22.41 1.19 4.30
N PRO B 116 22.44 0.55 5.51
CA PRO B 116 21.72 1.07 6.68
C PRO B 116 22.10 2.54 6.94
N SER B 117 21.13 3.34 7.37
CA SER B 117 21.25 4.81 7.56
C SER B 117 22.04 5.09 8.84
N GLU B 118 22.48 6.35 8.96
CA GLU B 118 23.22 6.89 10.13
C GLU B 118 22.39 6.65 11.39
N TYR B 119 21.10 7.02 11.36
CA TYR B 119 20.22 6.97 12.55
C TYR B 119 20.06 5.51 13.05
N CYS B 120 20.02 4.53 12.14
CA CYS B 120 19.88 3.10 12.50
C CYS B 120 21.07 2.65 13.37
N MET B 121 22.29 3.12 13.08
CA MET B 121 23.46 2.71 13.89
C MET B 121 23.45 3.39 15.27
N GLU B 122 22.87 4.57 15.40
CA GLU B 122 22.68 5.20 16.74
C GLU B 122 21.81 4.23 17.53
N TYR B 123 20.67 3.86 16.97
CA TYR B 123 19.61 3.14 17.69
C TYR B 123 20.16 1.77 18.12
N ILE B 124 20.99 1.16 17.29
CA ILE B 124 21.60 -0.16 17.62
C ILE B 124 22.55 -0.05 18.82
N SER B 125 23.42 0.96 18.85
CA SER B 125 24.28 1.30 20.01
C SER B 125 23.40 1.59 21.23
N HIS B 126 22.31 2.32 21.03
CA HIS B 126 21.42 2.76 22.14
C HIS B 126 20.85 1.53 22.85
N LEU B 127 20.35 0.56 22.08
CA LEU B 127 19.84 -0.73 22.62
C LEU B 127 20.95 -1.48 23.37
N GLU B 128 22.14 -1.63 22.80
CA GLU B 128 23.26 -2.28 23.53
C GLU B 128 23.35 -1.59 24.87
N ASN B 129 23.59 -0.27 24.84
CA ASN B 129 23.80 0.58 26.05
C ASN B 129 22.62 0.42 27.01
N LEU B 130 21.38 0.51 26.53
CA LEU B 130 20.17 0.32 27.37
C LEU B 130 20.25 -1.02 28.12
N CYS B 131 20.53 -2.08 27.37
CA CYS B 131 20.58 -3.45 27.88
C CYS B 131 21.71 -3.60 28.88
N GLU B 132 22.86 -3.04 28.58
CA GLU B 132 24.03 -2.96 29.50
C GLU B 132 23.57 -2.42 30.85
N GLU B 133 22.75 -1.38 30.83
CA GLU B 133 22.40 -0.64 32.06
C GLU B 133 21.32 -1.40 32.84
N ASN B 134 20.26 -1.81 32.14
CA ASN B 134 19.06 -2.42 32.74
C ASN B 134 18.35 -3.30 31.71
N LYS B 135 18.38 -4.61 31.93
CA LYS B 135 17.86 -5.59 30.96
C LYS B 135 16.37 -5.31 30.68
N LEU B 136 15.60 -4.84 31.66
CA LEU B 136 14.13 -4.62 31.47
C LEU B 136 13.87 -3.27 30.75
N SER B 137 14.69 -2.23 30.99
CA SER B 137 14.66 -0.98 30.21
C SER B 137 14.81 -1.35 28.73
N PHE B 138 15.81 -2.15 28.39
CA PHE B 138 16.02 -2.65 27.02
C PHE B 138 14.76 -3.41 26.56
N LEU B 139 14.25 -4.33 27.38
CA LEU B 139 13.14 -5.21 27.00
C LEU B 139 11.89 -4.39 26.64
N ALA B 140 11.64 -3.31 27.38
CA ALA B 140 10.54 -2.35 27.12
C ALA B 140 10.68 -1.80 25.69
N HIS B 141 11.89 -1.48 25.28
CA HIS B 141 12.16 -0.88 23.95
C HIS B 141 11.92 -1.94 22.89
N ALA B 142 12.37 -3.17 23.10
CA ALA B 142 12.10 -4.31 22.18
C ALA B 142 10.59 -4.46 22.03
N TYR B 143 9.87 -4.62 23.14
CA TYR B 143 8.39 -4.80 23.15
C TYR B 143 7.73 -3.73 22.27
N VAL B 144 7.94 -2.47 22.62
CA VAL B 144 7.26 -1.31 21.97
C VAL B 144 7.54 -1.40 20.47
N PHE B 145 8.76 -1.77 20.11
CA PHE B 145 9.20 -1.81 18.71
C PHE B 145 8.35 -2.84 17.99
N TYR B 146 8.37 -4.07 18.48
CA TYR B 146 7.48 -5.13 17.97
C TYR B 146 6.04 -4.59 17.96
N LYS B 147 5.57 -4.04 19.05
CA LYS B 147 4.14 -3.62 19.19
C LYS B 147 3.76 -2.55 18.15
N ASN B 148 4.50 -1.42 18.09
CA ASN B 148 4.10 -0.26 17.26
C ASN B 148 4.22 -0.69 15.78
N PHE B 149 5.19 -1.52 15.43
CA PHE B 149 5.37 -1.97 14.03
C PHE B 149 4.16 -2.83 13.65
N HIS B 150 3.81 -3.82 14.47
CA HIS B 150 2.60 -4.65 14.27
C HIS B 150 1.41 -3.71 13.98
N LEU B 151 1.26 -2.67 14.81
CA LEU B 151 0.05 -1.83 14.80
C LEU B 151 -0.01 -0.98 13.53
N SER B 152 1.11 -0.66 12.91
CA SER B 152 1.14 0.27 11.75
C SER B 152 1.78 -0.34 10.51
N LYS B 153 2.31 -1.55 10.55
CA LYS B 153 3.10 -2.07 9.41
C LYS B 153 2.21 -2.23 8.18
N GLU B 154 1.02 -2.80 8.31
CA GLU B 154 0.30 -3.18 7.08
C GLU B 154 -0.04 -1.90 6.28
N HIS B 155 -0.59 -0.86 6.93
CA HIS B 155 -0.99 0.40 6.25
C HIS B 155 0.24 1.08 5.69
N LEU B 156 1.33 1.12 6.47
CA LEU B 156 2.60 1.80 6.12
C LEU B 156 3.19 1.19 4.85
N LEU B 157 3.36 -0.13 4.82
CA LEU B 157 4.13 -0.82 3.76
C LEU B 157 3.32 -0.86 2.47
N LYS B 158 2.00 -1.01 2.60
CA LYS B 158 1.04 -1.00 1.47
C LYS B 158 1.16 0.38 0.82
N SER B 159 0.98 1.44 1.62
CA SER B 159 0.89 2.83 1.12
C SER B 159 2.25 3.29 0.59
N ILE B 160 3.37 2.92 1.22
CA ILE B 160 4.71 3.20 0.62
C ILE B 160 4.86 2.46 -0.72
N CYS B 161 4.53 1.17 -0.77
CA CYS B 161 4.67 0.30 -1.98
C CYS B 161 3.76 0.80 -3.11
N LYS B 162 2.53 1.19 -2.78
CA LYS B 162 1.57 1.77 -3.75
C LYS B 162 2.22 3.03 -4.31
N TYR B 163 2.59 3.98 -3.45
CA TYR B 163 3.28 5.25 -3.79
C TYR B 163 4.45 5.00 -4.75
N LEU B 164 5.20 3.91 -4.54
CA LEU B 164 6.41 3.58 -5.33
C LEU B 164 6.11 2.59 -6.45
N ASN B 165 4.84 2.27 -6.72
CA ASN B 165 4.42 1.42 -7.86
C ASN B 165 5.10 0.05 -7.71
N ILE B 166 5.05 -0.55 -6.51
CA ILE B 166 5.59 -1.90 -6.19
C ILE B 166 4.38 -2.76 -5.84
N ILE B 167 3.96 -3.65 -6.74
CA ILE B 167 2.62 -4.34 -6.59
C ILE B 167 2.84 -5.69 -5.89
N LYS B 168 3.16 -5.65 -4.60
CA LYS B 168 3.52 -6.86 -3.80
C LYS B 168 3.26 -6.54 -2.32
N LYS B 169 2.54 -7.45 -1.64
CA LYS B 169 2.47 -7.53 -0.16
C LYS B 169 3.84 -7.99 0.34
N LEU B 170 4.45 -7.31 1.28
CA LEU B 170 5.78 -7.75 1.81
C LEU B 170 5.54 -8.85 2.86
N LYS B 171 6.48 -9.77 3.02
CA LYS B 171 6.41 -10.82 4.07
C LYS B 171 6.24 -10.15 5.44
N SER B 172 6.92 -9.03 5.69
CA SER B 172 7.03 -8.42 7.03
C SER B 172 5.76 -7.69 7.42
N SER B 173 4.79 -7.57 6.50
CA SER B 173 3.49 -6.90 6.74
C SER B 173 2.46 -7.91 7.22
N THR B 174 2.73 -9.22 7.03
CA THR B 174 1.91 -10.37 7.50
C THR B 174 1.89 -10.44 9.04
N TYR B 175 0.77 -10.85 9.66
CA TYR B 175 0.63 -11.11 11.12
C TYR B 175 0.93 -12.60 11.43
N VAL B 176 1.99 -12.85 12.20
CA VAL B 176 2.39 -14.23 12.60
C VAL B 176 2.59 -14.26 14.11
N ALA B 177 1.75 -13.52 14.82
CA ALA B 177 1.67 -13.50 16.29
C ALA B 177 3.00 -13.15 16.93
N ASP B 178 3.89 -12.35 16.33
CA ASP B 178 5.19 -12.03 17.01
C ASP B 178 4.90 -11.31 18.33
N VAL B 179 4.13 -10.23 18.27
CA VAL B 179 3.63 -9.45 19.44
C VAL B 179 2.86 -10.32 20.43
N GLU B 180 1.91 -11.13 20.00
CA GLU B 180 1.07 -11.97 20.91
C GLU B 180 1.94 -12.94 21.72
N ASN B 181 3.00 -13.46 21.08
CA ASN B 181 4.00 -14.35 21.69
C ASN B 181 4.80 -13.54 22.67
N PHE B 182 5.14 -12.31 22.27
CA PHE B 182 5.96 -11.41 23.12
C PHE B 182 5.16 -11.11 24.37
N GLU B 183 3.85 -10.88 24.22
CA GLU B 183 2.92 -10.53 25.33
C GLU B 183 2.71 -11.74 26.22
N PHE B 184 2.58 -12.92 25.65
CA PHE B 184 2.56 -14.18 26.44
C PHE B 184 3.79 -14.27 27.35
N CYS B 185 4.99 -14.06 26.81
CA CYS B 185 6.26 -14.09 27.56
C CYS B 185 6.33 -12.98 28.64
N LEU B 186 5.85 -11.79 28.33
CA LEU B 186 5.83 -10.69 29.36
C LEU B 186 5.04 -11.14 30.59
N ASN B 187 3.83 -11.67 30.38
CA ASN B 187 2.95 -12.11 31.49
C ASN B 187 3.74 -13.08 32.38
N LYS B 188 4.41 -14.07 31.79
CA LYS B 188 5.19 -15.08 32.54
C LYS B 188 6.34 -14.40 33.29
N MET B 189 7.11 -13.55 32.61
CA MET B 189 8.32 -12.89 33.23
C MET B 189 7.88 -11.98 34.38
N SER B 190 6.79 -11.22 34.17
CA SER B 190 6.23 -10.21 35.09
C SER B 190 5.83 -10.85 36.43
N ARG B 191 5.42 -12.12 36.41
CA ARG B 191 4.98 -12.84 37.63
C ARG B 191 6.16 -12.90 38.60
N LYS B 192 7.42 -12.85 38.13
CA LYS B 192 8.59 -12.93 39.06
C LYS B 192 9.31 -11.58 39.18
N TRP B 193 8.63 -10.46 38.90
CA TRP B 193 9.21 -9.08 38.89
C TRP B 193 8.78 -8.32 40.15
N SER B 194 9.69 -7.56 40.76
CA SER B 194 9.37 -6.68 41.90
C SER B 194 8.51 -5.52 41.38
N ARG B 195 7.78 -4.82 42.25
CA ARG B 195 6.96 -3.66 41.84
C ARG B 195 7.89 -2.69 41.11
N TRP B 196 9.10 -2.50 41.63
CA TRP B 196 10.17 -1.60 41.11
C TRP B 196 10.48 -1.91 39.63
N GLU B 197 10.68 -3.19 39.34
CA GLU B 197 11.03 -3.71 37.99
C GLU B 197 9.85 -3.47 37.05
N LYS B 198 8.63 -3.70 37.53
CA LYS B 198 7.39 -3.42 36.76
C LYS B 198 7.32 -1.92 36.50
N ASP B 199 7.61 -1.09 37.50
CA ASP B 199 7.53 0.40 37.40
C ASP B 199 8.52 0.86 36.33
N ASN B 200 9.72 0.26 36.32
CA ASN B 200 10.81 0.67 35.41
C ASN B 200 10.37 0.32 33.98
N PHE B 201 9.80 -0.88 33.82
CA PHE B 201 9.33 -1.41 32.51
C PHE B 201 8.25 -0.48 31.95
N LEU B 202 7.24 -0.16 32.77
CA LEU B 202 6.12 0.73 32.36
C LEU B 202 6.65 2.14 32.06
N ALA B 203 7.55 2.70 32.87
CA ALA B 203 8.14 4.04 32.59
C ALA B 203 8.89 3.98 31.26
N SER B 204 9.60 2.88 30.98
CA SER B 204 10.50 2.77 29.81
C SER B 204 9.69 2.76 28.51
N LEU B 205 8.42 2.38 28.59
CA LEU B 205 7.50 2.37 27.41
C LEU B 205 7.40 3.76 26.77
N HIS B 206 7.29 4.84 27.58
CA HIS B 206 7.27 6.25 27.07
CA HIS B 206 7.30 6.26 27.13
C HIS B 206 8.49 6.44 26.17
N ASN B 207 9.70 6.16 26.68
CA ASN B 207 10.94 6.49 25.91
C ASN B 207 10.91 5.70 24.60
N ALA B 208 10.54 4.43 24.65
CA ALA B 208 10.54 3.51 23.49
C ALA B 208 9.49 3.93 22.44
N THR B 209 8.27 4.24 22.88
CA THR B 209 7.25 4.89 22.03
C THR B 209 7.88 6.06 21.24
N ASN B 210 8.44 7.07 21.94
CA ASN B 210 8.99 8.29 21.29
C ASN B 210 10.03 7.94 20.23
N LYS B 211 11.02 7.11 20.56
CA LYS B 211 12.22 6.85 19.70
C LYS B 211 11.78 6.09 18.46
N MET B 212 10.71 5.28 18.60
CA MET B 212 10.11 4.44 17.53
C MET B 212 9.52 5.38 16.48
N MET B 213 8.90 6.48 16.93
CA MET B 213 8.31 7.53 16.06
C MET B 213 9.38 8.30 15.28
N ILE B 214 10.43 8.83 15.92
CA ILE B 214 11.54 9.50 15.21
C ILE B 214 12.00 8.59 14.06
N LEU B 215 11.96 7.25 14.27
CA LEU B 215 12.38 6.24 13.27
C LEU B 215 11.31 6.01 12.19
N THR B 216 10.01 6.19 12.47
CA THR B 216 8.94 6.25 11.43
C THR B 216 8.60 7.74 11.16
N LYS B 217 9.25 8.35 10.16
CA LYS B 217 8.85 9.66 9.57
C LYS B 217 8.63 9.44 8.07
N HIS B 218 7.68 8.55 7.73
CA HIS B 218 7.32 8.13 6.35
C HIS B 218 5.87 8.52 6.06
#